data_7A9A
#
_entry.id   7A9A
#
_cell.length_a   21.035
_cell.length_b   61.322
_cell.length_c   76.910
_cell.angle_alpha   90.152
_cell.angle_beta   90.319
_cell.angle_gamma   93.754
#
_symmetry.space_group_name_H-M   'P 1'
#
loop_
_entity.id
_entity.type
_entity.pdbx_description
1 polymer Rubredoxin
2 non-polymer 'FE (III) ION'
3 non-polymer 'ZINC ION'
4 non-polymer 1,2-ETHANEDIOL
5 non-polymer GLYCEROL
6 non-polymer 'CHLORIDE ION'
7 non-polymer DI(HYDROXYETHYL)ETHER
8 water water
#
_entity_poly.entity_id   1
_entity_poly.type   'polypeptide(L)'
_entity_poly.pdbx_seq_one_letter_code
;MNDYKLFRCIQCGFEYDEALGWPEDGIAAGTRWDDIPDDWSCPDCGAAKSDFEMVEVARS
;
_entity_poly.pdbx_strand_id   A,B,C,D,E,F,G,H
#
# COMPACT_ATOMS: atom_id res chain seq x y z
N MET A 1 27.05 5.88 1.56
CA MET A 1 26.93 4.75 0.59
C MET A 1 26.40 5.29 -0.72
N ASN A 2 26.59 4.52 -1.81
CA ASN A 2 25.90 4.80 -3.07
C ASN A 2 24.46 4.29 -2.92
N ASP A 3 23.66 5.08 -2.22
CA ASP A 3 22.28 4.66 -1.94
C ASP A 3 21.54 4.37 -3.24
N TYR A 4 20.65 3.38 -3.16
CA TYR A 4 19.71 3.12 -4.25
C TYR A 4 18.62 4.17 -4.24
N LYS A 5 18.30 4.68 -5.41
CA LYS A 5 17.41 5.83 -5.55
CA LYS A 5 17.42 5.84 -5.60
C LYS A 5 16.02 5.40 -5.99
N LEU A 6 15.06 6.27 -5.69
CA LEU A 6 13.67 6.10 -6.05
CA LEU A 6 13.66 6.09 -6.07
C LEU A 6 13.33 7.15 -7.11
N PHE A 7 12.57 6.75 -8.12
CA PHE A 7 12.18 7.66 -9.20
C PHE A 7 10.67 7.58 -9.38
N ARG A 8 10.02 8.73 -9.47
CA ARG A 8 8.57 8.82 -9.50
CA ARG A 8 8.56 8.81 -9.50
C ARG A 8 8.09 9.36 -10.84
N CYS A 9 7.16 8.64 -11.46
CA CYS A 9 6.58 9.09 -12.72
C CYS A 9 5.75 10.34 -12.46
N ILE A 10 6.06 11.43 -13.19
CA ILE A 10 5.38 12.70 -13.00
C ILE A 10 3.97 12.70 -13.54
N GLN A 11 3.56 11.63 -14.23
CA GLN A 11 2.22 11.56 -14.82
C GLN A 11 1.25 10.75 -13.98
N CYS A 12 1.68 9.63 -13.40
CA CYS A 12 0.78 8.73 -12.69
C CYS A 12 1.22 8.37 -11.29
N GLY A 13 2.45 8.71 -10.88
CA GLY A 13 2.90 8.49 -9.52
C GLY A 13 3.58 7.16 -9.27
N PHE A 14 3.64 6.28 -10.27
CA PHE A 14 4.40 5.04 -10.14
C PHE A 14 5.83 5.36 -9.71
N GLU A 15 6.39 4.51 -8.85
CA GLU A 15 7.74 4.68 -8.35
C GLU A 15 8.59 3.47 -8.70
N TYR A 16 9.70 3.72 -9.38
CA TYR A 16 10.74 2.72 -9.60
C TYR A 16 11.79 2.86 -8.51
N ASP A 17 12.17 1.74 -7.92
CA ASP A 17 13.20 1.69 -6.89
C ASP A 17 14.39 0.95 -7.45
N GLU A 18 15.55 1.62 -7.54
CA GLU A 18 16.75 0.95 -8.03
C GLU A 18 17.06 -0.31 -7.23
N ALA A 19 16.70 -0.35 -5.95
CA ALA A 19 17.01 -1.51 -5.12
C ALA A 19 16.19 -2.73 -5.54
N LEU A 20 15.02 -2.50 -6.16
CA LEU A 20 14.13 -3.58 -6.53
C LEU A 20 14.11 -3.89 -8.01
N GLY A 21 14.50 -2.94 -8.87
CA GLY A 21 14.42 -3.20 -10.29
C GLY A 21 12.99 -3.38 -10.74
N TRP A 22 12.84 -4.01 -11.89
CA TRP A 22 11.54 -4.35 -12.44
C TRP A 22 11.67 -5.69 -13.12
N PRO A 23 11.65 -6.78 -12.34
CA PRO A 23 11.97 -8.10 -12.90
C PRO A 23 11.09 -8.52 -14.06
N GLU A 24 9.83 -8.10 -14.08
CA GLU A 24 8.92 -8.52 -15.14
C GLU A 24 9.42 -8.10 -16.51
N ASP A 25 10.19 -7.01 -16.60
CA ASP A 25 10.73 -6.52 -17.85
C ASP A 25 12.23 -6.81 -17.98
N GLY A 26 12.75 -7.74 -17.19
CA GLY A 26 14.16 -8.08 -17.29
C GLY A 26 15.10 -7.09 -16.65
N ILE A 27 14.59 -6.20 -15.80
CA ILE A 27 15.39 -5.20 -15.11
C ILE A 27 15.70 -5.75 -13.72
N ALA A 28 16.93 -6.18 -13.53
CA ALA A 28 17.33 -6.81 -12.27
C ALA A 28 17.31 -5.80 -11.14
N ALA A 29 17.03 -6.29 -9.94
CA ALA A 29 17.24 -5.49 -8.75
C ALA A 29 18.66 -4.93 -8.75
N GLY A 30 18.79 -3.68 -8.37
CA GLY A 30 20.06 -2.99 -8.38
C GLY A 30 20.36 -2.24 -9.67
N THR A 31 19.48 -2.31 -10.66
CA THR A 31 19.74 -1.62 -11.92
C THR A 31 19.58 -0.12 -11.71
N ARG A 32 20.69 0.61 -11.88
CA ARG A 32 20.66 2.06 -11.75
C ARG A 32 19.89 2.70 -12.89
N TRP A 33 19.33 3.87 -12.61
CA TRP A 33 18.43 4.54 -13.55
C TRP A 33 19.08 4.70 -14.92
N ASP A 34 20.34 5.13 -14.95
CA ASP A 34 21.01 5.40 -16.22
C ASP A 34 21.27 4.12 -17.00
N ASP A 35 21.20 2.96 -16.35
CA ASP A 35 21.46 1.69 -17.00
C ASP A 35 20.20 1.01 -17.49
N ILE A 36 19.03 1.57 -17.21
CA ILE A 36 17.78 1.02 -17.75
C ILE A 36 17.72 1.37 -19.24
N PRO A 37 17.44 0.42 -20.13
CA PRO A 37 17.35 0.74 -21.55
CA PRO A 37 17.35 0.74 -21.55
C PRO A 37 16.22 1.72 -21.82
N ASP A 38 16.41 2.54 -22.85
CA ASP A 38 15.40 3.56 -23.14
C ASP A 38 14.10 2.97 -23.68
N ASP A 39 14.07 1.69 -24.08
CA ASP A 39 12.82 1.07 -24.52
C ASP A 39 11.84 0.87 -23.36
N TRP A 40 12.30 1.02 -22.12
CA TRP A 40 11.43 0.86 -20.97
C TRP A 40 10.58 2.11 -20.76
N SER A 41 9.38 1.90 -20.26
CA SER A 41 8.44 2.98 -19.94
C SER A 41 7.78 2.69 -18.61
N CYS A 42 7.20 3.73 -18.04
CA CYS A 42 6.39 3.55 -16.84
C CYS A 42 5.38 2.43 -17.07
N PRO A 43 5.36 1.39 -16.24
CA PRO A 43 4.42 0.29 -16.48
CA PRO A 43 4.42 0.29 -16.48
C PRO A 43 2.97 0.68 -16.29
N ASP A 44 2.67 1.77 -15.60
CA ASP A 44 1.29 2.09 -15.30
C ASP A 44 0.68 3.11 -16.25
N CYS A 45 1.49 3.93 -16.93
CA CYS A 45 0.94 4.91 -17.85
C CYS A 45 1.71 5.04 -19.16
N GLY A 46 2.87 4.41 -19.32
CA GLY A 46 3.59 4.44 -20.58
C GLY A 46 4.55 5.60 -20.75
N ALA A 47 4.66 6.48 -19.76
CA ALA A 47 5.55 7.62 -19.88
C ALA A 47 7.00 7.16 -20.00
N ALA A 48 7.80 7.96 -20.70
CA ALA A 48 9.21 7.64 -20.89
C ALA A 48 10.01 7.94 -19.63
N LYS A 49 11.24 7.42 -19.60
CA LYS A 49 12.12 7.67 -18.46
C LYS A 49 12.32 9.16 -18.22
N SER A 50 12.33 9.96 -19.29
CA SER A 50 12.53 11.39 -19.12
C SER A 50 11.40 12.03 -18.31
N ASP A 51 10.28 11.33 -18.15
CA ASP A 51 9.13 11.84 -17.43
C ASP A 51 9.10 11.39 -15.97
N PHE A 52 10.25 11.04 -15.41
CA PHE A 52 10.38 10.68 -14.01
C PHE A 52 11.18 11.74 -13.27
N GLU A 53 10.94 11.84 -11.96
CA GLU A 53 11.68 12.72 -11.08
C GLU A 53 12.27 11.90 -9.94
N MET A 54 13.54 12.16 -9.62
CA MET A 54 14.16 11.46 -8.51
C MET A 54 13.56 11.93 -7.19
N VAL A 55 13.28 10.97 -6.31
CA VAL A 55 12.68 11.22 -5.01
C VAL A 55 13.78 11.29 -3.96
N GLU A 56 13.68 12.25 -3.04
CA GLU A 56 14.58 12.33 -1.91
C GLU A 56 14.03 11.44 -0.80
N VAL A 57 14.88 10.57 -0.27
CA VAL A 57 14.48 9.64 0.79
CA VAL A 57 14.49 9.62 0.77
C VAL A 57 15.32 9.88 2.02
N ALA A 58 14.75 9.56 3.18
CA ALA A 58 15.40 9.75 4.45
C ALA A 58 16.45 8.68 4.70
N ARG A 59 17.36 8.98 5.64
CA ARG A 59 18.36 8.01 6.07
C ARG A 59 17.70 6.79 6.70
N SER A 60 18.35 5.64 6.53
CA SER A 60 17.86 4.40 7.12
C SER A 60 19.02 3.53 7.60
N MET B 1 25.69 -13.80 -11.45
CA MET B 1 25.10 -12.67 -10.69
C MET B 1 24.39 -13.20 -9.45
N ASN B 2 23.47 -12.40 -8.89
CA ASN B 2 22.64 -12.84 -7.77
C ASN B 2 21.43 -13.56 -8.37
N ASP B 3 21.63 -14.83 -8.68
CA ASP B 3 20.59 -15.57 -9.40
C ASP B 3 19.35 -15.75 -8.55
N TYR B 4 18.19 -15.76 -9.21
CA TYR B 4 16.97 -16.11 -8.52
CA TYR B 4 16.95 -16.13 -8.54
C TYR B 4 17.01 -17.60 -8.19
N LYS B 5 16.44 -17.93 -7.03
CA LYS B 5 16.48 -19.29 -6.54
C LYS B 5 15.08 -19.81 -6.28
N LEU B 6 14.97 -21.13 -6.28
CA LEU B 6 13.79 -21.83 -5.82
C LEU B 6 13.96 -22.20 -4.36
N PHE B 7 12.83 -22.21 -3.64
CA PHE B 7 12.77 -22.68 -2.27
C PHE B 7 11.69 -23.74 -2.20
N ARG B 8 12.06 -24.93 -1.74
CA ARG B 8 11.22 -26.11 -1.85
C ARG B 8 10.65 -26.46 -0.49
N CYS B 9 9.33 -26.63 -0.42
CA CYS B 9 8.67 -27.10 0.78
C CYS B 9 9.03 -28.56 1.01
N ILE B 10 9.61 -28.85 2.18
CA ILE B 10 10.01 -30.22 2.47
C ILE B 10 8.78 -31.12 2.59
N GLN B 11 7.68 -30.59 3.12
CA GLN B 11 6.52 -31.43 3.42
CA GLN B 11 6.52 -31.43 3.42
C GLN B 11 5.82 -31.91 2.15
N CYS B 12 5.73 -31.05 1.13
CA CYS B 12 4.96 -31.41 -0.06
C CYS B 12 5.68 -31.22 -1.39
N GLY B 13 6.82 -30.56 -1.43
CA GLY B 13 7.55 -30.39 -2.67
C GLY B 13 7.21 -29.16 -3.48
N PHE B 14 6.25 -28.35 -3.03
CA PHE B 14 5.98 -27.07 -3.69
C PHE B 14 7.25 -26.24 -3.74
N GLU B 15 7.43 -25.50 -4.83
CA GLU B 15 8.60 -24.65 -5.00
C GLU B 15 8.17 -23.20 -5.19
N TYR B 16 8.62 -22.35 -4.28
CA TYR B 16 8.53 -20.90 -4.47
C TYR B 16 9.69 -20.46 -5.35
N ASP B 17 9.38 -19.64 -6.35
CA ASP B 17 10.35 -19.17 -7.34
C ASP B 17 10.53 -17.67 -7.17
N GLU B 18 11.72 -17.25 -6.72
CA GLU B 18 11.94 -15.83 -6.49
C GLU B 18 11.70 -14.99 -7.74
N ALA B 19 11.92 -15.55 -8.92
CA ALA B 19 11.73 -14.79 -10.14
C ALA B 19 10.26 -14.47 -10.38
N LEU B 20 9.35 -15.29 -9.86
CA LEU B 20 7.93 -15.17 -10.11
C LEU B 20 7.13 -14.63 -8.93
N GLY B 21 7.65 -14.75 -7.72
CA GLY B 21 6.89 -14.37 -6.57
C GLY B 21 5.66 -15.27 -6.42
N TRP B 22 4.70 -14.75 -5.66
CA TRP B 22 3.40 -15.40 -5.47
C TRP B 22 2.35 -14.31 -5.53
N PRO B 23 1.95 -13.89 -6.72
CA PRO B 23 1.18 -12.66 -6.84
C PRO B 23 -0.14 -12.69 -6.08
N GLU B 24 -0.80 -13.85 -6.01
CA GLU B 24 -2.12 -13.92 -5.41
C GLU B 24 -2.08 -13.53 -3.94
N ASP B 25 -0.93 -13.67 -3.28
CA ASP B 25 -0.78 -13.21 -1.90
C ASP B 25 -0.02 -11.89 -1.82
N GLY B 26 0.07 -11.17 -2.94
CA GLY B 26 0.71 -9.87 -2.95
C GLY B 26 2.22 -9.90 -2.90
N ILE B 27 2.83 -11.04 -3.22
CA ILE B 27 4.27 -11.20 -3.19
C ILE B 27 4.78 -10.97 -4.61
N ALA B 28 5.43 -9.83 -4.82
CA ALA B 28 5.83 -9.41 -6.15
C ALA B 28 6.90 -10.32 -6.73
N ALA B 29 6.83 -10.52 -8.04
CA ALA B 29 7.92 -11.19 -8.75
C ALA B 29 9.24 -10.52 -8.39
N GLY B 30 10.25 -11.35 -8.13
CA GLY B 30 11.55 -10.88 -7.67
C GLY B 30 11.72 -10.86 -6.17
N THR B 31 10.69 -11.14 -5.39
CA THR B 31 10.82 -11.06 -3.93
C THR B 31 11.71 -12.20 -3.44
N ARG B 32 12.81 -11.83 -2.78
CA ARG B 32 13.72 -12.80 -2.23
C ARG B 32 13.08 -13.50 -1.02
N TRP B 33 13.47 -14.76 -0.81
CA TRP B 33 12.86 -15.57 0.24
C TRP B 33 12.85 -14.85 1.58
N ASP B 34 13.98 -14.24 1.95
CA ASP B 34 14.09 -13.63 3.26
C ASP B 34 13.20 -12.41 3.41
N ASP B 35 12.68 -11.87 2.31
CA ASP B 35 11.82 -10.69 2.35
C ASP B 35 10.34 -11.04 2.32
N ILE B 36 9.99 -12.31 2.17
CA ILE B 36 8.58 -12.71 2.26
C ILE B 36 8.13 -12.58 3.71
N PRO B 37 6.96 -12.00 3.98
CA PRO B 37 6.47 -11.93 5.36
C PRO B 37 6.58 -13.27 6.06
N ASP B 38 7.11 -13.25 7.28
CA ASP B 38 7.53 -14.48 7.96
C ASP B 38 6.36 -15.39 8.31
N ASP B 39 5.12 -14.93 8.20
CA ASP B 39 3.95 -15.75 8.47
C ASP B 39 3.37 -16.41 7.23
N TRP B 40 3.93 -16.13 6.04
CA TRP B 40 3.43 -16.75 4.83
C TRP B 40 3.66 -18.25 4.90
N SER B 41 2.74 -19.02 4.34
CA SER B 41 2.77 -20.47 4.42
CA SER B 41 2.82 -20.47 4.41
C SER B 41 2.69 -21.07 3.02
N CYS B 42 3.14 -22.31 2.92
CA CYS B 42 3.11 -23.01 1.64
C CYS B 42 1.69 -23.04 1.08
N PRO B 43 1.47 -22.57 -0.15
CA PRO B 43 0.11 -22.58 -0.70
CA PRO B 43 0.11 -22.59 -0.69
C PRO B 43 -0.49 -23.97 -0.82
N ASP B 44 0.33 -25.01 -0.99
CA ASP B 44 -0.19 -26.35 -1.26
C ASP B 44 -0.45 -27.18 -0.02
N CYS B 45 0.26 -26.95 1.08
CA CYS B 45 0.08 -27.78 2.28
C CYS B 45 0.03 -27.02 3.59
N GLY B 46 0.27 -25.70 3.60
CA GLY B 46 0.21 -24.91 4.80
C GLY B 46 1.48 -24.87 5.64
N ALA B 47 2.54 -25.55 5.21
CA ALA B 47 3.77 -25.58 5.99
C ALA B 47 4.36 -24.17 6.15
N ALA B 48 5.06 -23.96 7.26
CA ALA B 48 5.67 -22.68 7.55
C ALA B 48 6.92 -22.48 6.68
N LYS B 49 7.36 -21.22 6.58
CA LYS B 49 8.58 -20.93 5.82
CA LYS B 49 8.57 -20.94 5.81
C LYS B 49 9.77 -21.74 6.31
N SER B 50 9.81 -22.04 7.60
CA SER B 50 10.93 -22.79 8.16
C SER B 50 10.99 -24.22 7.64
N ASP B 51 9.94 -24.70 6.99
CA ASP B 51 9.92 -26.03 6.40
C ASP B 51 10.35 -26.03 4.94
N PHE B 52 10.85 -24.91 4.43
CA PHE B 52 11.37 -24.80 3.08
C PHE B 52 12.89 -24.84 3.11
N GLU B 53 13.48 -25.30 2.02
CA GLU B 53 14.93 -25.29 1.85
C GLU B 53 15.28 -24.72 0.49
N MET B 54 16.35 -23.95 0.44
CA MET B 54 16.87 -23.44 -0.83
C MET B 54 17.30 -24.60 -1.71
N VAL B 55 16.96 -24.51 -3.00
CA VAL B 55 17.31 -25.56 -3.96
C VAL B 55 18.63 -25.19 -4.63
N GLU B 56 19.59 -26.10 -4.59
CA GLU B 56 20.90 -25.90 -5.17
C GLU B 56 20.93 -26.36 -6.62
N VAL B 57 21.77 -25.71 -7.41
CA VAL B 57 21.90 -26.05 -8.83
C VAL B 57 22.80 -27.26 -8.99
N MET C 1 -4.94 -50.12 -13.82
CA MET C 1 -4.05 -51.15 -13.19
CA MET C 1 -3.92 -51.04 -13.24
C MET C 1 -3.81 -50.81 -11.73
N ASN C 2 -3.13 -51.73 -11.02
CA ASN C 2 -2.76 -51.55 -9.62
C ASN C 2 -1.50 -50.71 -9.59
N ASP C 3 -1.68 -49.40 -9.74
CA ASP C 3 -0.56 -48.49 -9.88
C ASP C 3 0.36 -48.56 -8.66
N TYR C 4 1.65 -48.42 -8.92
CA TYR C 4 2.61 -48.31 -7.83
C TYR C 4 2.54 -46.91 -7.23
N LYS C 5 2.71 -46.83 -5.92
CA LYS C 5 2.51 -45.60 -5.19
C LYS C 5 3.83 -45.00 -4.70
N LEU C 6 3.77 -43.70 -4.46
CA LEU C 6 4.87 -42.92 -3.95
CA LEU C 6 4.88 -42.92 -3.95
C LEU C 6 4.53 -42.47 -2.54
N PHE C 7 5.50 -42.54 -1.64
CA PHE C 7 5.32 -42.17 -0.24
C PHE C 7 6.40 -41.19 0.15
N ARG C 8 6.00 -40.05 0.70
CA ARG C 8 6.91 -38.97 1.02
C ARG C 8 7.08 -38.85 2.54
N CYS C 9 8.33 -38.84 2.98
CA CYS C 9 8.64 -38.55 4.37
C CYS C 9 8.36 -37.07 4.61
N ILE C 10 7.40 -36.78 5.48
CA ILE C 10 7.05 -35.39 5.75
C ILE C 10 8.15 -34.68 6.53
N GLN C 11 9.06 -35.41 7.16
CA GLN C 11 10.10 -34.77 7.97
C GLN C 11 11.26 -34.27 7.12
N CYS C 12 11.64 -35.00 6.07
CA CYS C 12 12.79 -34.61 5.28
C CYS C 12 12.56 -34.59 3.78
N GLY C 13 11.42 -35.06 3.30
CA GLY C 13 11.12 -35.00 1.88
C GLY C 13 11.55 -36.20 1.07
N PHE C 14 12.26 -37.15 1.67
CA PHE C 14 12.61 -38.38 0.96
C PHE C 14 11.35 -39.07 0.46
N GLU C 15 11.41 -39.64 -0.75
CA GLU C 15 10.29 -40.36 -1.32
C GLU C 15 10.66 -41.81 -1.61
N TYR C 16 9.85 -42.73 -1.11
CA TYR C 16 9.93 -44.13 -1.48
C TYR C 16 8.94 -44.39 -2.60
N ASP C 17 9.40 -45.05 -3.66
CA ASP C 17 8.57 -45.43 -4.79
C ASP C 17 8.45 -46.95 -4.80
N GLU C 18 7.22 -47.44 -4.64
CA GLU C 18 7.01 -48.88 -4.72
C GLU C 18 7.57 -49.46 -6.01
N ALA C 19 7.57 -48.68 -7.10
CA ALA C 19 8.05 -49.21 -8.37
C ALA C 19 9.54 -49.50 -8.34
N LEU C 20 10.29 -48.80 -7.48
CA LEU C 20 11.73 -48.93 -7.43
C LEU C 20 12.25 -49.67 -6.20
N GLY C 21 11.45 -49.76 -5.15
CA GLY C 21 11.90 -50.38 -3.92
C GLY C 21 13.07 -49.61 -3.32
N TRP C 22 13.83 -50.32 -2.50
CA TRP C 22 15.02 -49.75 -1.87
C TRP C 22 16.04 -50.88 -1.75
N PRO C 23 16.74 -51.18 -2.85
CA PRO C 23 17.58 -52.38 -2.89
C PRO C 23 18.68 -52.41 -1.84
N GLU C 24 19.18 -51.26 -1.42
CA GLU C 24 20.27 -51.24 -0.44
C GLU C 24 19.85 -51.87 0.88
N ASP C 25 18.57 -51.86 1.21
CA ASP C 25 18.07 -52.49 2.43
C ASP C 25 17.35 -53.80 2.14
N GLY C 26 17.53 -54.37 0.96
CA GLY C 26 16.92 -55.63 0.61
C GLY C 26 15.47 -55.55 0.23
N ILE C 27 14.95 -54.36 -0.05
CA ILE C 27 13.56 -54.14 -0.44
C ILE C 27 13.53 -54.12 -1.96
N ALA C 28 12.99 -55.19 -2.55
CA ALA C 28 13.01 -55.32 -4.00
C ALA C 28 12.08 -54.31 -4.66
N ALA C 29 12.43 -53.94 -5.90
CA ALA C 29 11.52 -53.15 -6.72
C ALA C 29 10.17 -53.85 -6.78
N GLY C 30 9.11 -53.07 -6.64
CA GLY C 30 7.76 -53.60 -6.58
C GLY C 30 7.25 -53.89 -5.19
N THR C 31 8.05 -53.68 -4.14
CA THR C 31 7.57 -53.98 -2.80
C THR C 31 6.53 -52.95 -2.37
N ARG C 32 5.33 -53.43 -2.11
CA ARG C 32 4.25 -52.55 -1.68
C ARG C 32 4.50 -52.07 -0.25
N TRP C 33 3.96 -50.87 0.05
CA TRP C 33 4.26 -50.21 1.32
C TRP C 33 3.96 -51.11 2.50
N ASP C 34 2.82 -51.81 2.47
CA ASP C 34 2.43 -52.62 3.62
C ASP C 34 3.29 -53.86 3.78
N ASP C 35 4.05 -54.23 2.74
CA ASP C 35 4.92 -55.40 2.79
C ASP C 35 6.32 -55.07 3.28
N ILE C 36 6.64 -53.81 3.46
CA ILE C 36 7.93 -53.42 4.06
C ILE C 36 7.84 -53.63 5.56
N PRO C 37 8.84 -54.24 6.20
CA PRO C 37 8.81 -54.38 7.66
C PRO C 37 8.45 -53.08 8.36
N ASP C 38 7.67 -53.21 9.44
CA ASP C 38 7.09 -52.05 10.11
C ASP C 38 8.16 -51.11 10.66
N ASP C 39 9.33 -51.63 10.99
CA ASP C 39 10.36 -50.85 11.64
C ASP C 39 11.36 -50.24 10.66
N TRP C 40 11.13 -50.39 9.35
CA TRP C 40 11.97 -49.70 8.38
C TRP C 40 11.80 -48.20 8.56
N SER C 41 12.89 -47.46 8.45
CA SER C 41 12.84 -46.02 8.68
C SER C 41 13.43 -45.30 7.48
N CYS C 42 13.03 -44.04 7.37
CA CYS C 42 13.49 -43.19 6.27
C CYS C 42 15.01 -43.21 6.19
N PRO C 43 15.60 -43.51 5.03
CA PRO C 43 17.06 -43.54 4.94
CA PRO C 43 17.07 -43.56 4.94
C PRO C 43 17.73 -42.21 5.20
N ASP C 44 17.03 -41.10 4.97
CA ASP C 44 17.66 -39.79 5.05
C ASP C 44 17.47 -39.08 6.39
N CYS C 45 16.46 -39.44 7.18
CA CYS C 45 16.29 -38.80 8.49
C CYS C 45 15.90 -39.74 9.61
N GLY C 46 15.61 -41.02 9.33
CA GLY C 46 15.27 -41.97 10.38
C GLY C 46 13.83 -41.95 10.84
N ALA C 47 12.95 -41.17 10.21
CA ALA C 47 11.55 -41.15 10.61
C ALA C 47 10.89 -42.49 10.31
N ALA C 48 9.82 -42.78 11.07
CA ALA C 48 9.10 -44.03 10.95
C ALA C 48 8.20 -44.01 9.71
N LYS C 49 7.78 -45.22 9.30
CA LYS C 49 6.85 -45.31 8.18
C LYS C 49 5.60 -44.47 8.41
N SER C 50 5.15 -44.37 9.66
CA SER C 50 3.96 -43.59 9.97
C SER C 50 4.15 -42.10 9.73
N ASP C 51 5.39 -41.65 9.54
CA ASP C 51 5.67 -40.25 9.23
C ASP C 51 5.65 -39.97 7.73
N PHE C 52 5.33 -40.98 6.92
CA PHE C 52 5.21 -40.81 5.49
C PHE C 52 3.76 -40.56 5.13
N GLU C 53 3.54 -39.88 4.02
CA GLU C 53 2.22 -39.71 3.44
C GLU C 53 2.26 -40.14 1.98
N MET C 54 1.23 -40.84 1.54
CA MET C 54 1.14 -41.23 0.14
C MET C 54 0.94 -39.99 -0.73
N VAL C 55 1.65 -39.95 -1.84
CA VAL C 55 1.62 -38.81 -2.75
C VAL C 55 0.53 -39.03 -3.79
N GLU C 56 -0.32 -38.02 -4.00
CA GLU C 56 -1.28 -38.06 -5.07
C GLU C 56 -0.62 -37.63 -6.37
N VAL C 57 -0.78 -38.43 -7.42
CA VAL C 57 -0.13 -38.17 -8.69
C VAL C 57 -1.19 -38.08 -9.78
N ALA C 58 -0.83 -37.41 -10.86
CA ALA C 58 -1.73 -37.31 -12.00
C ALA C 58 -2.06 -38.71 -12.51
N ARG C 59 -3.29 -38.87 -13.00
CA ARG C 59 -3.68 -40.15 -13.57
C ARG C 59 -2.74 -40.51 -14.71
N SER C 60 -2.36 -41.79 -14.78
CA SER C 60 -1.29 -42.24 -15.66
C SER C 60 -1.78 -42.75 -17.01
N MET D 1 -20.14 -11.58 27.48
CA MET D 1 -19.95 -10.12 27.18
C MET D 1 -19.34 -9.96 25.80
N ASN D 2 -19.41 -8.75 25.25
CA ASN D 2 -18.64 -8.39 24.06
C ASN D 2 -17.21 -8.11 24.52
N ASP D 3 -16.44 -9.18 24.67
CA ASP D 3 -15.12 -9.06 25.26
C ASP D 3 -14.21 -8.20 24.38
N TYR D 4 -13.34 -7.43 25.03
CA TYR D 4 -12.32 -6.70 24.31
C TYR D 4 -11.22 -7.66 23.88
N LYS D 5 -10.68 -7.40 22.69
CA LYS D 5 -9.74 -8.30 22.05
CA LYS D 5 -9.74 -8.30 22.04
C LYS D 5 -8.33 -7.73 22.05
N LEU D 6 -7.36 -8.63 21.98
CA LEU D 6 -5.96 -8.31 21.83
CA LEU D 6 -5.96 -8.31 21.83
C LEU D 6 -5.53 -8.68 20.42
N PHE D 7 -4.69 -7.83 19.81
CA PHE D 7 -4.17 -8.05 18.47
C PHE D 7 -2.66 -7.94 18.49
N ARG D 8 -1.97 -8.93 17.92
CA ARG D 8 -0.52 -8.99 17.98
C ARG D 8 0.06 -8.68 16.61
N CYS D 9 1.02 -7.76 16.57
CA CYS D 9 1.75 -7.50 15.34
C CYS D 9 2.68 -8.67 15.08
N ILE D 10 2.49 -9.34 13.93
CA ILE D 10 3.31 -10.50 13.61
C ILE D 10 4.75 -10.11 13.33
N GLN D 11 5.00 -8.85 12.95
CA GLN D 11 6.34 -8.46 12.56
CA GLN D 11 6.34 -8.47 12.56
C GLN D 11 7.23 -8.17 13.76
N CYS D 12 6.67 -7.61 14.84
CA CYS D 12 7.51 -7.22 15.98
C CYS D 12 6.98 -7.65 17.34
N GLY D 13 5.77 -8.20 17.43
CA GLY D 13 5.24 -8.68 18.68
C GLY D 13 4.48 -7.65 19.51
N PHE D 14 4.44 -6.40 19.09
CA PHE D 14 3.60 -5.40 19.76
C PHE D 14 2.16 -5.90 19.84
N GLU D 15 1.49 -5.59 20.95
CA GLU D 15 0.10 -5.97 21.13
C GLU D 15 -0.78 -4.75 21.40
N TYR D 16 -1.81 -4.60 20.60
CA TYR D 16 -2.86 -3.63 20.84
C TYR D 16 -4.02 -4.29 21.58
N ASP D 17 -4.50 -3.65 22.63
CA ASP D 17 -5.59 -4.15 23.46
C ASP D 17 -6.77 -3.19 23.30
N GLU D 18 -7.88 -3.67 22.75
CA GLU D 18 -9.04 -2.80 22.59
C GLU D 18 -9.44 -2.16 23.90
N ALA D 19 -9.22 -2.84 25.03
CA ALA D 19 -9.62 -2.29 26.32
C ALA D 19 -8.84 -1.04 26.65
N LEU D 20 -7.61 -0.92 26.14
CA LEU D 20 -6.73 0.19 26.50
C LEU D 20 -6.59 1.22 25.39
N GLY D 21 -6.87 0.86 24.15
CA GLY D 21 -6.66 1.82 23.09
C GLY D 21 -5.19 2.18 22.93
N TRP D 22 -4.98 3.33 22.29
CA TRP D 22 -3.64 3.90 22.11
C TRP D 22 -3.76 5.41 22.21
N PRO D 23 -3.84 5.93 23.44
CA PRO D 23 -4.15 7.36 23.60
C PRO D 23 -3.17 8.31 22.95
N GLU D 24 -1.91 7.92 22.82
CA GLU D 24 -0.91 8.81 22.20
C GLU D 24 -1.29 9.20 20.78
N ASP D 25 -2.03 8.34 20.07
CA ASP D 25 -2.46 8.62 18.71
C ASP D 25 -3.95 8.95 18.62
N GLY D 26 -4.56 9.32 19.75
CA GLY D 26 -5.97 9.67 19.77
C GLY D 26 -6.92 8.50 19.72
N ILE D 27 -6.44 7.29 19.94
CA ILE D 27 -7.28 6.10 19.92
C ILE D 27 -7.73 5.83 21.35
N ALA D 28 -9.00 6.15 21.63
CA ALA D 28 -9.51 6.04 22.99
C ALA D 28 -9.53 4.58 23.45
N ALA D 29 -9.37 4.39 24.76
CA ALA D 29 -9.64 3.09 25.34
C ALA D 29 -11.02 2.61 24.91
N GLY D 30 -11.13 1.35 24.53
CA GLY D 30 -12.37 0.78 24.06
C GLY D 30 -12.54 0.81 22.56
N THR D 31 -11.59 1.38 21.82
CA THR D 31 -11.76 1.45 20.37
C THR D 31 -11.58 0.06 19.78
N ARG D 32 -12.64 -0.44 19.15
CA ARG D 32 -12.62 -1.74 18.52
C ARG D 32 -11.73 -1.73 17.28
N TRP D 33 -11.21 -2.90 16.94
CA TRP D 33 -10.22 -2.99 15.86
C TRP D 33 -10.74 -2.37 14.57
N ASP D 34 -11.99 -2.67 14.19
CA ASP D 34 -12.53 -2.15 12.94
C ASP D 34 -12.74 -0.65 12.96
N ASP D 35 -12.74 -0.04 14.15
CA ASP D 35 -12.98 1.38 14.30
C ASP D 35 -11.69 2.20 14.42
N ILE D 36 -10.55 1.54 14.53
CA ILE D 36 -9.27 2.24 14.46
C ILE D 36 -9.07 2.76 13.05
N PRO D 37 -8.59 4.00 12.87
CA PRO D 37 -8.32 4.49 11.52
C PRO D 37 -7.55 3.46 10.70
N ASP D 38 -8.01 3.26 9.46
CA ASP D 38 -7.44 2.23 8.60
C ASP D 38 -5.97 2.46 8.33
N ASP D 39 -5.49 3.70 8.46
CA ASP D 39 -4.10 4.04 8.18
C ASP D 39 -3.22 4.01 9.42
N TRP D 40 -3.76 3.65 10.58
CA TRP D 40 -2.93 3.49 11.76
C TRP D 40 -1.98 2.31 11.57
N SER D 41 -0.78 2.45 12.11
CA SER D 41 0.24 1.42 11.97
CA SER D 41 0.27 1.45 11.96
C SER D 41 0.86 1.10 13.33
N CYS D 42 1.48 -0.07 13.39
CA CYS D 42 2.09 -0.53 14.63
C CYS D 42 3.08 0.51 15.13
N PRO D 43 2.99 0.93 16.39
CA PRO D 43 3.92 1.96 16.89
CA PRO D 43 3.92 1.96 16.88
C PRO D 43 5.37 1.51 16.92
N ASP D 44 5.64 0.22 17.02
CA ASP D 44 7.01 -0.25 17.22
C ASP D 44 7.72 -0.66 15.94
N CYS D 45 7.01 -0.97 14.86
CA CYS D 45 7.67 -1.34 13.62
C CYS D 45 7.03 -0.76 12.37
N GLY D 46 5.88 -0.10 12.46
CA GLY D 46 5.27 0.54 11.31
C GLY D 46 4.40 -0.37 10.48
N ALA D 47 4.22 -1.63 10.87
CA ALA D 47 3.39 -2.54 10.10
C ALA D 47 1.95 -2.07 10.04
N ALA D 48 1.26 -2.42 8.95
CA ALA D 48 -0.13 -2.07 8.76
C ALA D 48 -1.04 -2.97 9.61
N LYS D 49 -2.27 -2.50 9.82
CA LYS D 49 -3.25 -3.29 10.59
C LYS D 49 -3.41 -4.69 10.02
N SER D 50 -3.28 -4.84 8.71
CA SER D 50 -3.43 -6.15 8.09
CA SER D 50 -3.44 -6.16 8.10
C SER D 50 -2.37 -7.14 8.55
N ASP D 51 -1.30 -6.66 9.18
CA ASP D 51 -0.22 -7.53 9.64
C ASP D 51 -0.38 -7.92 11.11
N PHE D 52 -1.53 -7.65 11.71
CA PHE D 52 -1.85 -8.09 13.06
C PHE D 52 -2.72 -9.33 13.02
N GLU D 53 -2.64 -10.13 14.09
CA GLU D 53 -3.50 -11.29 14.26
C GLU D 53 -4.13 -11.22 15.65
N MET D 54 -5.43 -11.51 15.71
CA MET D 54 -6.13 -11.53 16.98
C MET D 54 -5.60 -12.67 17.86
N VAL D 55 -5.43 -12.38 19.15
CA VAL D 55 -4.90 -13.34 20.11
C VAL D 55 -6.05 -14.07 20.78
N GLU D 56 -5.95 -15.40 20.84
CA GLU D 56 -6.89 -16.21 21.59
C GLU D 56 -6.51 -16.25 23.06
N VAL D 57 -7.52 -16.12 23.94
CA VAL D 57 -7.30 -16.08 25.38
C VAL D 57 -8.27 -17.05 26.05
N ALA D 58 -8.11 -17.18 27.37
CA ALA D 58 -8.97 -18.06 28.14
C ALA D 58 -10.40 -17.55 28.17
N ARG D 59 -11.31 -18.45 28.55
CA ARG D 59 -12.73 -18.11 28.60
C ARG D 59 -12.98 -16.99 29.60
N SER D 60 -13.93 -16.12 29.27
CA SER D 60 -14.39 -15.08 30.19
C SER D 60 -15.73 -15.47 30.78
N MET E 1 -19.87 1.79 7.25
CA MET E 1 -19.74 3.10 7.93
C MET E 1 -19.22 4.13 6.94
N ASN E 2 -19.42 5.42 7.24
CA ASN E 2 -18.85 6.51 6.45
C ASN E 2 -17.42 6.76 6.95
N ASP E 3 -16.54 5.83 6.59
CA ASP E 3 -15.18 5.89 7.09
C ASP E 3 -14.49 7.18 6.62
N TYR E 4 -13.61 7.69 7.47
CA TYR E 4 -12.72 8.76 7.03
CA TYR E 4 -12.69 8.75 7.06
C TYR E 4 -11.71 8.19 6.05
N LYS E 5 -11.42 8.97 5.01
CA LYS E 5 -10.59 8.49 3.91
CA LYS E 5 -10.62 8.52 3.88
C LYS E 5 -9.32 9.31 3.77
N LEU E 6 -8.33 8.69 3.15
CA LEU E 6 -7.10 9.32 2.74
C LEU E 6 -7.20 9.69 1.26
N PHE E 7 -6.60 10.82 0.91
CA PHE E 7 -6.48 11.25 -0.47
C PHE E 7 -5.02 11.53 -0.73
N ARG E 8 -4.47 10.91 -1.77
CA ARG E 8 -3.03 10.88 -1.99
C ARG E 8 -2.68 11.73 -3.21
N CYS E 9 -1.72 12.64 -3.04
CA CYS E 9 -1.22 13.46 -4.13
C CYS E 9 -0.38 12.62 -5.08
N ILE E 10 -0.81 12.56 -6.34
CA ILE E 10 -0.09 11.76 -7.32
C ILE E 10 1.32 12.30 -7.57
N GLN E 11 1.53 13.61 -7.35
CA GLN E 11 2.81 14.22 -7.71
C GLN E 11 3.90 13.99 -6.67
N CYS E 12 3.54 13.88 -5.39
CA CYS E 12 4.54 13.79 -4.34
C CYS E 12 4.24 12.77 -3.26
N GLY E 13 3.05 12.18 -3.24
CA GLY E 13 2.73 11.16 -2.27
C GLY E 13 2.13 11.67 -0.97
N PHE E 14 2.06 12.99 -0.77
CA PHE E 14 1.40 13.53 0.40
C PHE E 14 -0.01 12.96 0.50
N GLU E 15 -0.44 12.66 1.73
CA GLU E 15 -1.75 12.09 2.00
C GLU E 15 -2.53 13.03 2.91
N TYR E 16 -3.66 13.52 2.42
CA TYR E 16 -4.62 14.22 3.26
C TYR E 16 -5.51 13.20 3.95
N ASP E 17 -5.69 13.36 5.26
CA ASP E 17 -6.46 12.43 6.08
C ASP E 17 -7.68 13.18 6.60
N GLU E 18 -8.87 12.75 6.17
CA GLU E 18 -10.10 13.42 6.57
C GLU E 18 -10.26 13.46 8.09
N ALA E 19 -9.77 12.44 8.78
CA ALA E 19 -9.92 12.41 10.24
C ALA E 19 -9.13 13.50 10.92
N LEU E 20 -8.04 13.95 10.30
CA LEU E 20 -7.13 14.90 10.91
C LEU E 20 -7.23 16.30 10.33
N GLY E 21 -7.75 16.44 9.11
CA GLY E 21 -7.79 17.74 8.49
C GLY E 21 -6.39 18.24 8.19
N TRP E 22 -6.29 19.53 7.97
CA TRP E 22 -5.00 20.20 7.80
C TRP E 22 -5.11 21.51 8.56
N PRO E 23 -4.89 21.46 9.88
CA PRO E 23 -5.25 22.62 10.73
C PRO E 23 -4.54 23.90 10.35
N GLU E 24 -3.29 23.81 9.92
CA GLU E 24 -2.50 25.01 9.68
C GLU E 24 -3.12 25.88 8.60
N ASP E 25 -3.89 25.30 7.68
CA ASP E 25 -4.62 26.05 6.66
C ASP E 25 -6.10 26.25 7.01
N GLY E 26 -6.46 26.01 8.27
CA GLY E 26 -7.82 26.23 8.72
C GLY E 26 -8.77 25.09 8.44
N ILE E 27 -8.27 23.97 7.93
CA ILE E 27 -9.12 22.84 7.56
C ILE E 27 -9.27 21.96 8.79
N ALA E 28 -10.45 22.01 9.41
CA ALA E 28 -10.70 21.33 10.67
C ALA E 28 -10.64 19.82 10.52
N ALA E 29 -10.20 19.16 11.59
CA ALA E 29 -10.29 17.71 11.67
C ALA E 29 -11.71 17.27 11.38
N GLY E 30 -11.83 16.23 10.56
CA GLY E 30 -13.12 15.73 10.12
C GLY E 30 -13.57 16.27 8.78
N THR E 31 -12.88 17.25 8.20
CA THR E 31 -13.33 17.85 6.96
C THR E 31 -13.21 16.85 5.81
N ARG E 32 -14.34 16.57 5.17
CA ARG E 32 -14.36 15.69 4.01
C ARG E 32 -13.71 16.37 2.80
N TRP E 33 -13.12 15.55 1.94
CA TRP E 33 -12.37 16.06 0.80
C TRP E 33 -13.18 17.08 0.00
N ASP E 34 -14.45 16.76 -0.28
CA ASP E 34 -15.24 17.64 -1.14
C ASP E 34 -15.56 18.97 -0.47
N ASP E 35 -15.40 19.06 0.85
CA ASP E 35 -15.69 20.28 1.59
C ASP E 35 -14.46 21.17 1.77
N ILE E 36 -13.31 20.76 1.27
CA ILE E 36 -12.13 21.62 1.26
C ILE E 36 -12.27 22.61 0.11
N PRO E 37 -12.07 23.91 0.34
CA PRO E 37 -12.11 24.87 -0.77
CA PRO E 37 -12.12 24.87 -0.77
C PRO E 37 -11.21 24.43 -1.91
N ASP E 38 -11.71 24.60 -3.14
CA ASP E 38 -11.07 24.03 -4.31
CA ASP E 38 -11.08 24.02 -4.31
C ASP E 38 -9.75 24.70 -4.67
N ASP E 39 -9.47 25.86 -4.12
CA ASP E 39 -8.17 26.48 -4.37
C ASP E 39 -7.07 25.96 -3.43
N TRP E 40 -7.41 25.11 -2.47
CA TRP E 40 -6.39 24.53 -1.62
C TRP E 40 -5.49 23.63 -2.45
N SER E 41 -4.21 23.61 -2.10
CA SER E 41 -3.23 22.86 -2.86
CA SER E 41 -3.20 22.88 -2.86
C SER E 41 -2.40 22.00 -1.93
N CYS E 42 -1.76 20.98 -2.50
CA CYS E 42 -0.95 20.06 -1.72
C CYS E 42 0.10 20.85 -0.94
N PRO E 43 0.15 20.71 0.39
CA PRO E 43 1.13 21.48 1.16
CA PRO E 43 1.13 21.48 1.16
C PRO E 43 2.57 21.16 0.82
N ASP E 44 2.86 19.97 0.30
CA ASP E 44 4.23 19.57 0.06
C ASP E 44 4.73 19.84 -1.34
N CYS E 45 3.85 19.98 -2.33
CA CYS E 45 4.30 20.21 -3.69
C CYS E 45 3.45 21.21 -4.49
N GLY E 46 2.31 21.65 -3.98
CA GLY E 46 1.51 22.66 -4.66
C GLY E 46 0.53 22.12 -5.67
N ALA E 47 0.42 20.81 -5.82
CA ALA E 47 -0.51 20.24 -6.79
C ALA E 47 -1.95 20.59 -6.42
N ALA E 48 -2.80 20.67 -7.46
CA ALA E 48 -4.21 20.96 -7.27
C ALA E 48 -4.93 19.73 -6.70
N LYS E 49 -6.11 19.98 -6.13
CA LYS E 49 -6.91 18.89 -5.59
C LYS E 49 -7.17 17.82 -6.64
N SER E 50 -7.28 18.21 -7.91
CA SER E 50 -7.53 17.24 -8.97
C SER E 50 -6.37 16.28 -9.17
N ASP E 51 -5.19 16.59 -8.62
CA ASP E 51 -4.04 15.69 -8.72
C ASP E 51 -4.00 14.69 -7.56
N PHE E 52 -5.03 14.66 -6.73
CA PHE E 52 -5.16 13.70 -5.64
C PHE E 52 -6.11 12.59 -6.08
N GLU E 53 -5.88 11.40 -5.54
CA GLU E 53 -6.78 10.28 -5.77
C GLU E 53 -7.12 9.65 -4.44
N MET E 54 -8.35 9.21 -4.29
CA MET E 54 -8.75 8.57 -3.04
CA MET E 54 -8.78 8.56 -3.05
C MET E 54 -8.04 7.24 -2.87
N VAL E 55 -7.67 6.94 -1.64
CA VAL E 55 -6.96 5.71 -1.31
C VAL E 55 -7.98 4.65 -0.92
N GLU E 56 -8.02 3.57 -1.68
CA GLU E 56 -8.92 2.46 -1.39
C GLU E 56 -8.31 1.54 -0.34
N VAL E 57 -9.19 0.89 0.43
CA VAL E 57 -8.77 -0.11 1.40
C VAL E 57 -7.77 -1.09 0.78
N MET F 1 -32.19 23.08 -31.86
CA MET F 1 -31.10 22.26 -32.44
CA MET F 1 -31.00 22.38 -32.44
C MET F 1 -30.18 21.72 -31.34
N ASN F 2 -29.33 20.78 -31.75
CA ASN F 2 -28.32 20.22 -30.84
C ASN F 2 -27.09 21.13 -30.91
N ASP F 3 -27.28 22.35 -30.43
CA ASP F 3 -26.23 23.36 -30.52
C ASP F 3 -25.04 22.96 -29.66
N TYR F 4 -23.86 23.38 -30.10
CA TYR F 4 -22.66 23.16 -29.29
CA TYR F 4 -22.65 23.19 -29.31
C TYR F 4 -22.66 24.15 -28.13
N LYS F 5 -22.38 23.64 -26.93
CA LYS F 5 -22.49 24.38 -25.69
CA LYS F 5 -22.50 24.39 -25.69
C LYS F 5 -21.12 24.82 -25.18
N LEU F 6 -21.14 25.87 -24.36
CA LEU F 6 -19.98 26.34 -23.61
C LEU F 6 -20.13 25.90 -22.16
N PHE F 7 -19.02 25.48 -21.57
CA PHE F 7 -18.95 25.08 -20.17
C PHE F 7 -17.84 25.90 -19.53
N ARG F 8 -18.14 26.60 -18.45
CA ARG F 8 -17.17 27.46 -17.80
CA ARG F 8 -17.20 27.47 -17.79
C ARG F 8 -16.69 26.85 -16.50
N CYS F 9 -15.39 26.99 -16.26
CA CYS F 9 -14.79 26.61 -14.99
C CYS F 9 -15.19 27.62 -13.93
N ILE F 10 -15.82 27.14 -12.85
CA ILE F 10 -16.22 28.04 -11.78
C ILE F 10 -15.02 28.76 -11.19
N GLN F 11 -13.89 28.06 -11.07
CA GLN F 11 -12.77 28.58 -10.29
C GLN F 11 -11.98 29.67 -11.03
N CYS F 12 -11.83 29.57 -12.35
CA CYS F 12 -11.03 30.53 -13.09
C CYS F 12 -11.71 31.10 -14.32
N GLY F 13 -12.87 30.60 -14.72
CA GLY F 13 -13.56 31.14 -15.86
C GLY F 13 -13.16 30.57 -17.20
N PHE F 14 -12.16 29.69 -17.25
CA PHE F 14 -11.83 29.03 -18.51
C PHE F 14 -13.10 28.45 -19.09
N GLU F 15 -13.22 28.52 -20.42
CA GLU F 15 -14.41 28.08 -21.12
CA GLU F 15 -14.42 28.05 -21.10
C GLU F 15 -14.05 26.95 -22.09
N TYR F 16 -14.73 25.83 -21.98
CA TYR F 16 -14.65 24.75 -22.95
C TYR F 16 -15.80 24.92 -23.93
N ASP F 17 -15.50 24.89 -25.22
CA ASP F 17 -16.47 25.03 -26.28
C ASP F 17 -16.55 23.68 -26.99
N GLU F 18 -17.72 23.03 -26.92
CA GLU F 18 -17.89 21.73 -27.57
C GLU F 18 -17.55 21.78 -29.06
N ALA F 19 -17.74 22.93 -29.69
CA ALA F 19 -17.43 23.05 -31.11
C ALA F 19 -15.94 22.92 -31.36
N LEU F 20 -15.12 23.32 -30.39
CA LEU F 20 -13.68 23.39 -30.55
C LEU F 20 -12.93 22.25 -29.89
N GLY F 21 -13.53 21.61 -28.88
CA GLY F 21 -12.82 20.60 -28.16
C GLY F 21 -11.62 21.18 -27.43
N TRP F 22 -10.72 20.27 -27.06
CA TRP F 22 -9.43 20.65 -26.48
C TRP F 22 -8.39 19.72 -27.08
N PRO F 23 -7.93 20.01 -28.29
CA PRO F 23 -7.10 19.05 -29.02
C PRO F 23 -5.86 18.62 -28.28
N GLU F 24 -5.23 19.51 -27.52
CA GLU F 24 -3.93 19.19 -26.93
C GLU F 24 -4.02 18.02 -25.96
N ASP F 25 -5.18 17.80 -25.34
CA ASP F 25 -5.41 16.63 -24.49
C ASP F 25 -6.19 15.53 -25.22
N GLY F 26 -6.22 15.57 -26.55
CA GLY F 26 -6.85 14.52 -27.31
C GLY F 26 -8.35 14.63 -27.46
N ILE F 27 -8.95 15.75 -27.05
CA ILE F 27 -10.39 15.92 -27.05
C ILE F 27 -10.77 16.57 -28.38
N ALA F 28 -11.33 15.76 -29.28
CA ALA F 28 -11.63 16.21 -30.63
C ALA F 28 -12.69 17.31 -30.62
N ALA F 29 -12.54 18.23 -31.56
CA ALA F 29 -13.60 19.20 -31.83
C ALA F 29 -14.91 18.47 -32.02
N GLY F 30 -15.97 19.02 -31.41
CA GLY F 30 -17.27 18.41 -31.43
C GLY F 30 -17.57 17.53 -30.23
N THR F 31 -16.59 17.27 -29.37
CA THR F 31 -16.80 16.35 -28.26
C THR F 31 -17.73 16.99 -27.23
N ARG F 32 -18.83 16.28 -26.95
CA ARG F 32 -19.80 16.76 -25.99
C ARG F 32 -19.26 16.60 -24.58
N TRP F 33 -19.73 17.48 -23.69
CA TRP F 33 -19.18 17.55 -22.32
C TRP F 33 -19.20 16.18 -21.65
N ASP F 34 -20.31 15.45 -21.75
CA ASP F 34 -20.43 14.17 -21.04
C ASP F 34 -19.49 13.12 -21.59
N ASP F 35 -18.95 13.32 -22.79
CA ASP F 35 -18.09 12.35 -23.44
C ASP F 35 -16.62 12.61 -23.19
N ILE F 36 -16.28 13.72 -22.54
CA ILE F 36 -14.90 13.98 -22.11
C ILE F 36 -14.57 13.07 -20.95
N PRO F 37 -13.38 12.46 -20.89
CA PRO F 37 -13.04 11.63 -19.73
CA PRO F 37 -13.05 11.62 -19.73
C PRO F 37 -13.25 12.38 -18.42
N ASP F 38 -13.81 11.68 -17.43
CA ASP F 38 -14.15 12.29 -16.15
C ASP F 38 -12.93 12.84 -15.42
N ASP F 39 -11.74 12.33 -15.68
CA ASP F 39 -10.54 12.82 -15.02
C ASP F 39 -9.92 14.02 -15.72
N TRP F 40 -10.49 14.50 -16.82
CA TRP F 40 -9.95 15.73 -17.39
C TRP F 40 -10.18 16.88 -16.41
N SER F 41 -9.25 17.83 -16.41
CA SER F 41 -9.34 18.96 -15.51
CA SER F 41 -9.31 18.96 -15.50
C SER F 41 -9.07 20.24 -16.27
N CYS F 42 -9.50 21.36 -15.68
CA CYS F 42 -9.35 22.65 -16.31
C CYS F 42 -7.89 22.87 -16.67
N PRO F 43 -7.57 23.21 -17.92
CA PRO F 43 -6.15 23.43 -18.27
CA PRO F 43 -6.15 23.43 -18.27
C PRO F 43 -5.54 24.64 -17.58
N ASP F 44 -6.34 25.60 -17.13
CA ASP F 44 -5.80 26.85 -16.61
C ASP F 44 -5.70 26.90 -15.10
N CYS F 45 -6.47 26.10 -14.36
CA CYS F 45 -6.39 26.12 -12.91
C CYS F 45 -6.46 24.73 -12.26
N GLY F 46 -6.67 23.68 -13.04
CA GLY F 46 -6.71 22.34 -12.48
C GLY F 46 -8.04 21.95 -11.87
N ALA F 47 -9.06 22.79 -11.99
CA ALA F 47 -10.34 22.45 -11.39
C ALA F 47 -10.88 21.16 -12.01
N ALA F 48 -11.57 20.38 -11.18
CA ALA F 48 -12.12 19.13 -11.65
C ALA F 48 -13.25 19.38 -12.64
N LYS F 49 -13.51 18.37 -13.46
CA LYS F 49 -14.59 18.49 -14.44
C LYS F 49 -15.92 18.80 -13.77
N SER F 50 -16.13 18.29 -12.55
CA SER F 50 -17.37 18.56 -11.82
C SER F 50 -17.48 20.01 -11.36
N ASP F 51 -16.41 20.79 -11.49
CA ASP F 51 -16.41 22.20 -11.10
C ASP F 51 -16.68 23.13 -12.27
N PHE F 52 -17.23 22.60 -13.37
CA PHE F 52 -17.68 23.37 -14.51
C PHE F 52 -19.21 23.46 -14.49
N GLU F 53 -19.73 24.45 -15.20
CA GLU F 53 -21.17 24.63 -15.35
CA GLU F 53 -21.17 24.65 -15.35
C GLU F 53 -21.47 25.11 -16.77
N MET F 54 -22.55 24.59 -17.34
CA MET F 54 -22.92 25.00 -18.68
CA MET F 54 -22.94 24.99 -18.68
C MET F 54 -23.40 26.44 -18.68
N VAL F 55 -23.05 27.16 -19.75
CA VAL F 55 -23.48 28.53 -19.95
C VAL F 55 -24.80 28.52 -20.71
N GLU F 56 -25.77 29.29 -20.22
CA GLU F 56 -27.08 29.35 -20.86
C GLU F 56 -26.98 30.11 -22.19
N VAL F 57 -27.82 29.71 -23.15
CA VAL F 57 -27.87 30.42 -24.41
C VAL F 57 -28.30 31.86 -24.15
N ALA F 58 -27.86 32.75 -25.04
CA ALA F 58 -28.14 34.17 -24.87
C ALA F 58 -29.63 34.44 -24.88
N ARG F 59 -30.03 35.52 -24.21
CA ARG F 59 -31.43 35.91 -24.20
C ARG F 59 -31.88 36.26 -25.61
N SER F 60 -33.13 35.94 -25.91
CA SER F 60 -33.68 36.16 -27.25
C SER F 60 -34.97 36.97 -27.17
N MET G 1 0.26 51.21 -14.76
CA MET G 1 -0.63 52.11 -13.96
C MET G 1 -1.18 51.35 -12.76
N ASN G 2 -2.02 52.00 -11.96
CA ASN G 2 -2.74 51.34 -10.88
C ASN G 2 -3.96 50.65 -11.49
N ASP G 3 -3.69 49.53 -12.17
CA ASP G 3 -4.75 48.85 -12.90
CA ASP G 3 -4.74 48.81 -12.89
C ASP G 3 -5.86 48.36 -11.96
N TYR G 4 -7.08 48.35 -12.50
CA TYR G 4 -8.21 47.81 -11.76
C TYR G 4 -8.21 46.29 -11.88
N LYS G 5 -8.36 45.61 -10.76
CA LYS G 5 -8.32 44.16 -10.70
C LYS G 5 -9.73 43.58 -10.65
N LEU G 6 -9.80 42.29 -10.98
CA LEU G 6 -10.99 41.49 -10.78
CA LEU G 6 -11.00 41.50 -10.76
C LEU G 6 -10.80 40.63 -9.53
N PHE G 7 -11.90 40.32 -8.86
CA PHE G 7 -11.90 39.38 -7.75
C PHE G 7 -12.99 38.36 -8.03
N ARG G 8 -12.59 37.09 -8.09
N ARG G 8 -12.61 37.08 -8.10
CA ARG G 8 -13.49 36.01 -8.48
CA ARG G 8 -13.52 36.02 -8.52
C ARG G 8 -13.83 35.16 -7.27
C ARG G 8 -13.83 35.10 -7.34
N CYS G 9 -15.12 34.95 -7.04
CA CYS G 9 -15.56 34.05 -5.98
C CYS G 9 -15.23 32.62 -6.37
N ILE G 10 -14.43 31.95 -5.55
CA ILE G 10 -14.03 30.57 -5.87
C ILE G 10 -15.20 29.61 -5.76
N GLN G 11 -16.24 29.95 -5.02
CA GLN G 11 -17.33 29.01 -4.78
CA GLN G 11 -17.32 29.00 -4.79
C GLN G 11 -18.34 28.99 -5.91
N CYS G 12 -18.60 30.12 -6.56
CA CYS G 12 -19.58 30.19 -7.64
C CYS G 12 -19.08 30.85 -8.92
N GLY G 13 -17.95 31.54 -8.90
CA GLY G 13 -17.41 32.17 -10.09
C GLY G 13 -17.83 33.60 -10.32
N PHE G 14 -18.68 34.15 -9.46
CA PHE G 14 -19.02 35.57 -9.58
C PHE G 14 -17.75 36.41 -9.62
N GLU G 15 -17.75 37.44 -10.46
CA GLU G 15 -16.61 38.34 -10.58
C GLU G 15 -16.98 39.76 -10.17
N TYR G 16 -16.22 40.31 -9.23
CA TYR G 16 -16.26 41.72 -8.90
C TYR G 16 -15.13 42.43 -9.65
N ASP G 17 -15.44 43.50 -10.34
CA ASP G 17 -14.46 44.30 -11.06
C ASP G 17 -14.32 45.64 -10.33
N GLU G 18 -13.11 45.93 -9.84
CA GLU G 18 -12.87 47.21 -9.18
C GLU G 18 -13.28 48.37 -10.09
N ALA G 19 -13.17 48.20 -11.40
CA ALA G 19 -13.50 49.28 -12.32
C ALA G 19 -15.00 49.54 -12.38
N LEU G 20 -15.82 48.57 -11.99
CA LEU G 20 -17.27 48.69 -12.09
C LEU G 20 -17.96 48.83 -10.75
N GLY G 21 -17.34 48.38 -9.66
CA GLY G 21 -18.02 48.44 -8.40
C GLY G 21 -19.23 47.51 -8.37
N TRP G 22 -20.12 47.77 -7.42
CA TRP G 22 -21.37 47.04 -7.28
C TRP G 22 -22.44 48.01 -6.83
N PRO G 23 -23.00 48.78 -7.77
CA PRO G 23 -23.89 49.90 -7.39
C PRO G 23 -25.11 49.46 -6.61
N GLU G 24 -25.60 48.24 -6.83
CA GLU G 24 -26.78 47.77 -6.12
C GLU G 24 -26.57 47.77 -4.61
N ASP G 25 -25.33 47.62 -4.15
CA ASP G 25 -25.01 47.64 -2.73
C ASP G 25 -24.25 48.90 -2.33
N GLY G 26 -24.33 49.94 -3.14
CA GLY G 26 -23.71 51.22 -2.80
C GLY G 26 -22.21 51.25 -2.95
N ILE G 27 -21.64 50.32 -3.72
CA ILE G 27 -20.21 50.21 -3.93
C ILE G 27 -19.91 50.89 -5.26
N ALA G 28 -19.32 52.07 -5.20
CA ALA G 28 -19.06 52.86 -6.41
C ALA G 28 -18.03 52.19 -7.31
N ALA G 29 -18.20 52.40 -8.61
CA ALA G 29 -17.16 52.02 -9.56
C ALA G 29 -15.84 52.64 -9.12
N GLY G 30 -14.78 51.84 -9.18
CA GLY G 30 -13.48 52.26 -8.73
C GLY G 30 -13.16 51.88 -7.31
N THR G 31 -14.09 51.25 -6.59
CA THR G 31 -13.82 50.90 -5.21
C THR G 31 -12.86 49.72 -5.16
N ARG G 32 -11.68 49.96 -4.60
CA ARG G 32 -10.66 48.94 -4.46
C ARG G 32 -11.09 47.91 -3.44
N TRP G 33 -10.56 46.70 -3.60
CA TRP G 33 -11.03 45.57 -2.80
C TRP G 33 -10.91 45.84 -1.30
N ASP G 34 -9.83 46.49 -0.86
CA ASP G 34 -9.65 46.73 0.56
C ASP G 34 -10.58 47.80 1.10
N ASP G 35 -11.19 48.58 0.22
CA ASP G 35 -12.10 49.64 0.62
C ASP G 35 -13.56 49.20 0.56
N ILE G 36 -13.83 47.99 0.07
CA ILE G 36 -15.20 47.45 0.15
C ILE G 36 -15.48 47.10 1.60
N PRO G 37 -16.70 47.33 2.10
CA PRO G 37 -17.03 46.91 3.46
C PRO G 37 -16.60 45.47 3.72
N ASP G 38 -15.93 45.26 4.85
CA ASP G 38 -15.39 43.93 5.12
CA ASP G 38 -15.39 43.93 5.19
C ASP G 38 -16.49 42.88 5.20
N ASP G 39 -17.72 43.25 5.51
CA ASP G 39 -18.82 42.31 5.64
C ASP G 39 -19.56 42.04 4.34
N TRP G 40 -19.14 42.65 3.23
CA TRP G 40 -19.77 42.36 1.96
C TRP G 40 -19.58 40.90 1.61
N SER G 41 -20.56 40.32 0.92
CA SER G 41 -20.55 38.91 0.55
CA SER G 41 -20.49 38.92 0.54
C SER G 41 -20.87 38.79 -0.93
N CYS G 42 -20.46 37.67 -1.51
CA CYS G 42 -20.74 37.39 -2.90
C CYS G 42 -22.24 37.48 -3.17
N PRO G 43 -22.69 38.31 -4.11
CA PRO G 43 -24.14 38.43 -4.34
C PRO G 43 -24.79 37.14 -4.79
N ASP G 44 -24.04 36.24 -5.41
CA ASP G 44 -24.62 35.07 -6.04
C ASP G 44 -24.66 33.84 -5.14
N CYS G 45 -23.71 33.70 -4.21
CA CYS G 45 -23.71 32.54 -3.32
C CYS G 45 -23.51 32.87 -1.85
N GLY G 46 -23.22 34.13 -1.51
CA GLY G 46 -23.08 34.54 -0.12
C GLY G 46 -21.71 34.30 0.48
N ALA G 47 -20.73 33.84 -0.29
CA ALA G 47 -19.39 33.61 0.24
C ALA G 47 -18.77 34.91 0.74
N ALA G 48 -17.89 34.79 1.73
CA ALA G 48 -17.23 35.95 2.31
C ALA G 48 -16.14 36.47 1.37
N LYS G 49 -15.66 37.69 1.65
CA LYS G 49 -14.60 38.29 0.85
CA LYS G 49 -14.61 38.27 0.82
C LYS G 49 -13.37 37.40 0.81
N SER G 50 -13.08 36.71 1.91
CA SER G 50 -11.90 35.85 1.97
CA SER G 50 -11.90 35.86 1.96
C SER G 50 -11.99 34.68 1.00
N ASP G 51 -13.16 34.43 0.42
CA ASP G 51 -13.35 33.34 -0.54
C ASP G 51 -13.15 33.79 -1.99
N PHE G 52 -12.73 35.03 -2.20
CA PHE G 52 -12.44 35.57 -3.52
C PHE G 52 -10.94 35.52 -3.80
N GLU G 53 -10.61 35.35 -5.07
CA GLU G 53 -9.22 35.33 -5.54
C GLU G 53 -9.01 36.50 -6.49
N MET G 54 -7.91 37.22 -6.30
CA MET G 54 -7.59 38.35 -7.16
CA MET G 54 -7.62 38.34 -7.18
C MET G 54 -7.13 37.85 -8.53
N VAL G 55 -7.57 38.54 -9.57
CA VAL G 55 -7.22 38.23 -10.95
C VAL G 55 -6.76 39.51 -11.63
N GLU G 56 -5.66 39.43 -12.36
CA GLU G 56 -5.21 40.55 -13.18
C GLU G 56 -5.81 40.45 -14.57
N VAL G 57 -6.11 41.61 -15.16
CA VAL G 57 -6.81 41.68 -16.43
C VAL G 57 -5.87 42.27 -17.47
N ALA G 58 -5.88 41.68 -18.66
CA ALA G 58 -5.08 42.20 -19.76
C ALA G 58 -5.53 43.61 -20.12
N ARG G 59 -4.59 44.43 -20.57
CA ARG G 59 -4.84 45.83 -20.88
C ARG G 59 -4.98 45.98 -22.39
N SER G 60 -6.17 46.40 -22.83
CA SER G 60 -6.44 46.63 -24.25
C SER G 60 -6.39 45.32 -25.04
N MET H 1 27.81 -17.53 37.75
CA MET H 1 27.67 -18.47 36.62
CA MET H 1 27.76 -18.47 36.59
C MET H 1 27.40 -17.71 35.32
N ASN H 2 27.47 -18.42 34.19
CA ASN H 2 26.97 -17.90 32.92
C ASN H 2 25.47 -18.18 32.92
N ASP H 3 24.67 -17.15 33.21
CA ASP H 3 23.25 -17.36 33.43
C ASP H 3 22.59 -17.92 32.18
N TYR H 4 21.59 -18.77 32.41
CA TYR H 4 20.76 -19.25 31.30
CA TYR H 4 20.74 -19.25 31.33
C TYR H 4 19.83 -18.12 30.84
N LYS H 5 19.52 -18.16 29.55
CA LYS H 5 18.74 -17.11 28.91
C LYS H 5 17.42 -17.65 28.37
N LEU H 6 16.45 -16.76 28.27
CA LEU H 6 15.16 -17.04 27.63
CA LEU H 6 15.17 -17.04 27.64
C LEU H 6 15.18 -16.40 26.25
N PHE H 7 14.61 -17.10 25.27
CA PHE H 7 14.51 -16.62 23.91
C PHE H 7 13.04 -16.66 23.51
N ARG H 8 12.52 -15.52 23.08
CA ARG H 8 11.10 -15.36 22.83
C ARG H 8 10.85 -15.29 21.33
N CYS H 9 9.88 -16.08 20.87
CA CYS H 9 9.40 -15.99 19.49
C CYS H 9 8.60 -14.72 19.30
N ILE H 10 9.06 -13.86 18.39
CA ILE H 10 8.39 -12.59 18.16
C ILE H 10 7.00 -12.81 17.59
N GLN H 11 6.83 -13.83 16.76
CA GLN H 11 5.56 -14.03 16.08
CA GLN H 11 5.56 -14.03 16.08
C GLN H 11 4.45 -14.44 17.05
N CYS H 12 4.73 -15.33 18.00
CA CYS H 12 3.68 -15.89 18.83
C CYS H 12 3.90 -15.77 20.34
N GLY H 13 5.09 -15.42 20.81
CA GLY H 13 5.35 -15.26 22.23
C GLY H 13 5.87 -16.48 22.95
N PHE H 14 5.96 -17.63 22.26
CA PHE H 14 6.58 -18.81 22.86
C PHE H 14 7.97 -18.46 23.35
N GLU H 15 8.38 -19.08 24.45
CA GLU H 15 9.71 -18.85 25.01
C GLU H 15 10.45 -20.17 25.18
N TYR H 16 11.68 -20.21 24.64
CA TYR H 16 12.64 -21.28 24.90
C TYR H 16 13.53 -20.88 26.07
N ASP H 17 13.68 -21.78 27.04
CA ASP H 17 14.49 -21.57 28.24
C ASP H 17 15.70 -22.48 28.17
N GLU H 18 16.91 -21.89 28.09
CA GLU H 18 18.12 -22.69 27.99
C GLU H 18 18.27 -23.65 29.16
N ALA H 19 17.73 -23.30 30.34
CA ALA H 19 17.82 -24.17 31.50
C ALA H 19 17.02 -25.47 31.31
N LEU H 20 15.98 -25.45 30.48
CA LEU H 20 15.08 -26.58 30.31
C LEU H 20 15.22 -27.31 28.98
N GLY H 21 15.77 -26.67 27.96
CA GLY H 21 15.84 -27.30 26.66
C GLY H 21 14.47 -27.53 26.08
N TRP H 22 14.40 -28.46 25.13
CA TRP H 22 13.15 -28.89 24.52
C TRP H 22 13.26 -30.40 24.31
N PRO H 23 13.02 -31.18 25.37
CA PRO H 23 13.33 -32.61 25.30
CA PRO H 23 13.34 -32.62 25.29
C PRO H 23 12.60 -33.36 24.20
N GLU H 24 11.40 -32.92 23.83
CA GLU H 24 10.62 -33.67 22.85
C GLU H 24 11.29 -33.70 21.49
N ASP H 25 12.14 -32.72 21.19
CA ASP H 25 12.89 -32.69 19.95
C ASP H 25 14.37 -33.02 20.16
N GLY H 26 14.71 -33.66 21.28
CA GLY H 26 16.06 -34.09 21.54
C GLY H 26 17.00 -33.01 22.01
N ILE H 27 16.48 -31.87 22.44
CA ILE H 27 17.30 -30.74 22.88
C ILE H 27 17.37 -30.80 24.41
N ALA H 28 18.53 -31.19 24.92
CA ALA H 28 18.68 -31.42 26.35
C ALA H 28 18.65 -30.10 27.13
N ALA H 29 18.15 -30.19 28.37
CA ALA H 29 18.25 -29.08 29.30
C ALA H 29 19.69 -28.58 29.34
N GLY H 30 19.84 -27.26 29.32
CA GLY H 30 21.13 -26.62 29.29
C GLY H 30 21.61 -26.23 27.91
N THR H 31 20.93 -26.66 26.85
CA THR H 31 21.40 -26.39 25.50
C THR H 31 21.31 -24.90 25.21
N ARG H 32 22.46 -24.28 24.96
CA ARG H 32 22.51 -22.87 24.64
C ARG H 32 21.92 -22.61 23.26
N TRP H 33 21.42 -21.39 23.08
CA TRP H 33 20.69 -21.04 21.86
C TRP H 33 21.53 -21.31 20.61
N ASP H 34 22.81 -20.94 20.63
CA ASP H 34 23.65 -21.12 19.45
C ASP H 34 23.90 -22.59 19.14
N ASP H 35 23.69 -23.49 20.11
CA ASP H 35 23.96 -24.90 19.93
C ASP H 35 22.72 -25.70 19.53
N ILE H 36 21.55 -25.07 19.54
CA ILE H 36 20.34 -25.73 19.02
C ILE H 36 20.49 -25.91 17.52
N PRO H 37 20.14 -27.07 16.96
CA PRO H 37 20.23 -27.23 15.50
CA PRO H 37 20.24 -27.23 15.50
C PRO H 37 19.55 -26.07 14.79
N ASP H 38 20.22 -25.55 13.77
CA ASP H 38 19.73 -24.37 13.08
C ASP H 38 18.40 -24.61 12.39
N ASP H 39 18.00 -25.87 12.18
CA ASP H 39 16.72 -26.18 11.55
C ASP H 39 15.58 -26.30 12.55
N TRP H 40 15.82 -26.11 13.84
CA TRP H 40 14.73 -26.13 14.80
C TRP H 40 13.88 -24.88 14.61
N SER H 41 12.60 -24.99 14.96
CA SER H 41 11.66 -23.90 14.79
CA SER H 41 11.65 -23.90 14.78
C SER H 41 10.71 -23.85 15.98
N CYS H 42 10.06 -22.71 16.14
CA CYS H 42 9.13 -22.52 17.23
C CYS H 42 8.08 -23.63 17.24
N PRO H 43 7.93 -24.37 18.34
CA PRO H 43 6.94 -25.46 18.35
CA PRO H 43 6.94 -25.47 18.34
C PRO H 43 5.49 -24.99 18.23
N ASP H 44 5.23 -23.70 18.44
CA ASP H 44 3.86 -23.22 18.49
C ASP H 44 3.42 -22.48 17.24
N CYS H 45 4.33 -21.93 16.44
CA CYS H 45 3.95 -21.26 15.21
C CYS H 45 4.88 -21.53 14.03
N GLY H 46 5.96 -22.28 14.22
CA GLY H 46 6.86 -22.62 13.14
C GLY H 46 7.87 -21.56 12.78
N ALA H 47 7.94 -20.46 13.53
CA ALA H 47 8.91 -19.42 13.21
C ALA H 47 10.33 -19.96 13.30
N ALA H 48 11.20 -19.46 12.42
CA ALA H 48 12.60 -19.87 12.42
C ALA H 48 13.36 -19.29 13.61
N LYS H 49 14.50 -19.93 13.93
CA LYS H 49 15.33 -19.46 15.04
C LYS H 49 15.67 -17.98 14.90
N SER H 50 15.92 -17.52 13.66
CA SER H 50 16.34 -16.15 13.44
C SER H 50 15.29 -15.13 13.86
N ASP H 51 14.06 -15.57 14.12
CA ASP H 51 13.00 -14.66 14.52
C ASP H 51 12.63 -14.78 15.99
N PHE H 52 13.56 -15.27 16.80
CA PHE H 52 13.51 -15.15 18.25
C PHE H 52 14.39 -14.01 18.70
N GLU H 53 14.09 -13.47 19.86
CA GLU H 53 14.92 -12.45 20.49
C GLU H 53 15.17 -12.84 21.93
N MET H 54 16.38 -12.55 22.41
CA MET H 54 16.72 -12.85 23.79
CA MET H 54 16.73 -12.84 23.79
C MET H 54 15.98 -11.90 24.73
N VAL H 55 15.47 -12.44 25.82
CA VAL H 55 14.76 -11.66 26.82
C VAL H 55 15.77 -11.07 27.79
N GLU H 56 15.77 -9.74 27.90
CA GLU H 56 16.64 -9.05 28.84
C GLU H 56 16.00 -9.09 30.23
N VAL H 57 16.69 -9.69 31.19
CA VAL H 57 16.16 -9.81 32.54
C VAL H 57 16.77 -8.76 33.47
#